data_4Y20
#
_entry.id   4Y20
#
_cell.length_a   42.942
_cell.length_b   58.345
_cell.length_c   111.969
_cell.angle_alpha   90.000
_cell.angle_beta   90.000
_cell.angle_gamma   90.000
#
_symmetry.space_group_name_H-M   'P 21 21 21'
#
loop_
_entity.id
_entity.type
_entity.pdbx_description
1 polymer Galectin-1
2 polymer Galectin-1
3 branched 'N-acetyl-alpha-neuraminic acid-(2-3)-beta-D-galactopyranose-(1-4)-alpha-D-glucopyranose'
4 water water
#
loop_
_entity_poly.entity_id
_entity_poly.type
_entity_poly.pdbx_seq_one_letter_code
_entity_poly.pdbx_strand_id
1 'polypeptide(L)'
;MGSSHHHHHHSSGLVPRGSHMCGLVASNLNLKPGECLRVRGEVAPDAKSFVLNLGKDSNNL(CSO)LHFNPRFNAHGDAN
TIV(CSO)NSKDGGAWGTEQREAVFPFQPGSVAEV(CSO)ITFDQANLTVKLPDGYEFKFPNRLNLEAINYMAADGDFKI
K(CSO)VAFD
;
A
2 'polypeptide(L)'
;MGSSHHHHHHSSGLVPRGSHMCGLVASNLNLKPGE(CSO)LRVRGEVAPDAKSFVLNLGKDSNNL(CSO)LHFNPRFNAH
GDANTIV(CSO)NSKDGGAWGTEQREAVFPFQPGSVAEV(CSO)ITFDQANLTVKLPDGYEFKFPNRLNLEAINYMAADG
DFKIK(CSO)VAFD
;
B
#
# COMPACT_ATOMS: atom_id res chain seq x y z
N CYS A 22 -9.61 -3.36 -8.77
CA CYS A 22 -10.69 -2.51 -8.30
C CYS A 22 -10.58 -2.25 -6.81
N GLY A 23 -9.70 -3.00 -6.15
CA GLY A 23 -9.35 -2.75 -4.77
C GLY A 23 -8.02 -2.05 -4.71
N LEU A 24 -7.39 -2.05 -3.54
CA LEU A 24 -6.09 -1.41 -3.36
C LEU A 24 -5.03 -1.96 -4.32
N VAL A 25 -4.29 -1.06 -4.95
CA VAL A 25 -3.20 -1.44 -5.83
C VAL A 25 -1.90 -0.76 -5.37
N ALA A 26 -0.89 -1.56 -5.07
CA ALA A 26 0.40 -1.05 -4.64
C ALA A 26 1.50 -1.46 -5.61
N SER A 27 2.36 -0.50 -5.97
CA SER A 27 3.49 -0.79 -6.85
C SER A 27 4.79 -0.30 -6.24
N ASN A 28 5.90 -0.67 -6.88
CA ASN A 28 7.25 -0.39 -6.37
C ASN A 28 7.47 -0.99 -4.98
N LEU A 29 6.92 -2.18 -4.76
CA LEU A 29 7.06 -2.87 -3.48
C LEU A 29 8.49 -3.31 -3.23
N ASN A 30 9.16 -3.75 -4.30
CA ASN A 30 10.55 -4.22 -4.23
C ASN A 30 10.75 -5.30 -3.16
N LEU A 31 9.84 -6.26 -3.12
CA LEU A 31 9.93 -7.34 -2.13
C LEU A 31 10.81 -8.47 -2.65
N LYS A 32 11.98 -8.61 -2.03
CA LYS A 32 12.95 -9.60 -2.44
C LYS A 32 12.69 -10.94 -1.74
N PRO A 33 13.31 -12.03 -2.23
CA PRO A 33 13.16 -13.33 -1.56
C PRO A 33 13.56 -13.25 -0.08
N GLY A 34 12.74 -13.85 0.78
CA GLY A 34 12.98 -13.81 2.21
C GLY A 34 12.16 -12.73 2.89
N GLU A 35 12.04 -11.57 2.23
CA GLU A 35 11.23 -10.48 2.76
C GLU A 35 9.77 -10.90 2.88
N CYS A 36 9.10 -10.39 3.91
CA CYS A 36 7.73 -10.80 4.20
C CYS A 36 6.72 -9.69 3.95
N LEU A 37 5.72 -9.99 3.14
CA LEU A 37 4.60 -9.07 2.93
C LEU A 37 3.42 -9.48 3.80
N ARG A 38 3.08 -8.64 4.77
CA ARG A 38 1.94 -8.90 5.64
C ARG A 38 0.72 -8.08 5.21
N VAL A 39 -0.40 -8.74 5.01
CA VAL A 39 -1.62 -8.07 4.59
C VAL A 39 -2.79 -8.46 5.50
N ARG A 40 -3.52 -7.45 5.98
CA ARG A 40 -4.73 -7.69 6.75
C ARG A 40 -5.90 -6.96 6.11
N GLY A 41 -7.02 -7.66 5.94
CA GLY A 41 -8.17 -7.07 5.28
C GLY A 41 -9.50 -7.57 5.81
N GLU A 42 -10.59 -7.08 5.22
CA GLU A 42 -11.92 -7.45 5.66
C GLU A 42 -12.66 -8.20 4.56
N VAL A 43 -13.00 -9.44 4.84
CA VAL A 43 -13.80 -10.25 3.92
C VAL A 43 -15.27 -9.83 4.06
N ALA A 44 -15.90 -9.50 2.93
CA ALA A 44 -17.28 -9.02 2.93
C ALA A 44 -18.24 -10.06 3.51
N PRO A 45 -19.36 -9.60 4.08
CA PRO A 45 -20.36 -10.53 4.63
C PRO A 45 -21.02 -11.37 3.55
N ASP A 46 -21.12 -10.82 2.34
CA ASP A 46 -21.70 -11.54 1.21
C ASP A 46 -20.62 -12.03 0.27
N ALA A 47 -19.47 -12.39 0.84
CA ALA A 47 -18.30 -12.72 0.02
C ALA A 47 -18.50 -13.96 -0.83
N LYS A 48 -18.41 -13.77 -2.15
CA LYS A 48 -18.44 -14.87 -3.09
C LYS A 48 -17.02 -15.28 -3.46
N SER A 49 -16.13 -14.28 -3.54
CA SER A 49 -14.76 -14.49 -3.98
C SER A 49 -13.91 -13.25 -3.69
N PHE A 50 -12.63 -13.45 -3.42
CA PHE A 50 -11.70 -12.32 -3.36
C PHE A 50 -10.31 -12.72 -3.86
N VAL A 51 -9.53 -11.71 -4.23
CA VAL A 51 -8.29 -11.94 -4.95
C VAL A 51 -7.12 -11.12 -4.41
N LEU A 52 -5.96 -11.75 -4.26
CA LEU A 52 -4.71 -11.03 -4.05
C LEU A 52 -3.73 -11.34 -5.20
N ASN A 53 -3.45 -10.33 -6.02
CA ASN A 53 -2.54 -10.50 -7.14
C ASN A 53 -1.14 -9.98 -6.83
N LEU A 54 -0.15 -10.82 -7.07
CA LEU A 54 1.25 -10.50 -6.78
C LEU A 54 2.15 -10.73 -8.00
N GLY A 55 3.02 -9.78 -8.29
CA GLY A 55 3.98 -9.97 -9.36
C GLY A 55 4.72 -8.70 -9.75
N LYS A 56 4.95 -8.54 -11.05
CA LYS A 56 5.65 -7.40 -11.60
C LYS A 56 4.68 -6.30 -11.96
N ASP A 57 3.59 -6.67 -12.63
CA ASP A 57 2.50 -5.76 -12.96
C ASP A 57 1.22 -6.56 -13.20
N SER A 58 0.21 -5.92 -13.77
CA SER A 58 -1.09 -6.55 -13.94
C SER A 58 -1.05 -7.71 -14.94
N ASN A 59 -0.09 -7.69 -15.86
CA ASN A 59 0.02 -8.74 -16.86
C ASN A 59 1.06 -9.81 -16.51
N ASN A 60 1.79 -9.59 -15.41
CA ASN A 60 2.80 -10.55 -14.99
C ASN A 60 2.68 -10.87 -13.50
N LEU A 61 1.89 -11.89 -13.19
CA LEU A 61 1.62 -12.26 -11.81
C LEU A 61 2.24 -13.60 -11.45
N LEU A 63 1.84 -14.83 -8.57
CA LEU A 63 0.78 -15.44 -7.77
C LEU A 63 -0.56 -14.72 -7.90
N HIS A 64 -1.56 -15.48 -8.35
CA HIS A 64 -2.96 -15.07 -8.33
C HIS A 64 -3.67 -15.88 -7.24
N PHE A 65 -3.86 -15.25 -6.08
CA PHE A 65 -4.41 -15.96 -4.92
C PHE A 65 -5.90 -15.68 -4.79
N ASN A 66 -6.72 -16.68 -5.11
CA ASN A 66 -8.15 -16.47 -5.24
C ASN A 66 -9.01 -17.47 -4.47
N PRO A 67 -9.24 -17.21 -3.17
CA PRO A 67 -10.21 -17.99 -2.40
C PRO A 67 -11.63 -17.79 -2.93
N ARG A 68 -12.30 -18.88 -3.27
CA ARG A 68 -13.67 -18.80 -3.80
C ARG A 68 -14.66 -19.46 -2.85
N PHE A 69 -15.51 -18.64 -2.25
CA PHE A 69 -16.59 -19.15 -1.39
C PHE A 69 -17.67 -19.80 -2.26
N ASN A 70 -18.07 -19.08 -3.30
CA ASN A 70 -19.08 -19.55 -4.23
C ASN A 70 -18.99 -18.75 -5.52
N ALA A 71 -18.03 -19.11 -6.37
CA ALA A 71 -17.80 -18.38 -7.61
C ALA A 71 -17.22 -19.28 -8.70
N HIS A 72 -17.71 -19.08 -9.92
CA HIS A 72 -17.24 -19.78 -11.11
C HIS A 72 -17.40 -21.30 -11.01
N GLY A 73 -18.31 -21.76 -10.16
CA GLY A 73 -18.55 -23.17 -10.00
C GLY A 73 -17.80 -23.79 -8.85
N ASP A 74 -16.84 -23.03 -8.30
CA ASP A 74 -16.09 -23.47 -7.13
C ASP A 74 -16.76 -23.05 -5.84
N ALA A 75 -16.81 -23.96 -4.88
CA ALA A 75 -17.37 -23.66 -3.56
C ALA A 75 -16.35 -23.98 -2.46
N ASN A 76 -16.03 -22.98 -1.65
CA ASN A 76 -15.05 -23.11 -0.57
C ASN A 76 -13.75 -23.74 -1.05
N THR A 77 -13.21 -23.19 -2.13
CA THR A 77 -12.00 -23.70 -2.76
C THR A 77 -11.05 -22.56 -3.08
N ILE A 78 -9.76 -22.75 -2.76
CA ILE A 78 -8.75 -21.76 -3.11
C ILE A 78 -8.16 -22.08 -4.48
N VAL A 79 -8.24 -21.10 -5.38
CA VAL A 79 -7.69 -21.24 -6.72
C VAL A 79 -6.47 -20.32 -6.88
N ASN A 81 -3.13 -19.34 -9.52
CA ASN A 81 -2.63 -19.40 -10.88
C ASN A 81 -1.56 -18.34 -11.08
N SER A 82 -0.94 -18.36 -12.25
CA SER A 82 0.01 -17.34 -12.64
C SER A 82 -0.45 -16.66 -13.92
N LYS A 83 0.05 -15.45 -14.18
CA LYS A 83 -0.17 -14.80 -15.45
C LYS A 83 1.17 -14.35 -16.02
N ASP A 84 1.47 -14.76 -17.25
CA ASP A 84 2.76 -14.48 -17.86
C ASP A 84 2.59 -13.79 -19.20
N GLY A 85 2.96 -12.52 -19.25
CA GLY A 85 2.78 -11.73 -20.46
C GLY A 85 1.34 -11.68 -20.90
N GLY A 86 0.43 -11.56 -19.94
CA GLY A 86 -0.99 -11.48 -20.23
C GLY A 86 -1.71 -12.81 -20.30
N ALA A 87 -0.96 -13.90 -20.37
CA ALA A 87 -1.56 -15.22 -20.51
C ALA A 87 -1.62 -15.99 -19.19
N TRP A 88 -2.82 -16.40 -18.80
CA TRP A 88 -3.01 -17.22 -17.60
C TRP A 88 -2.29 -18.55 -17.75
N GLY A 89 -1.83 -19.09 -16.62
CA GLY A 89 -1.21 -20.41 -16.62
C GLY A 89 -2.22 -21.47 -16.23
N THR A 90 -1.73 -22.58 -15.70
CA THR A 90 -2.60 -23.65 -15.24
C THR A 90 -2.99 -23.46 -13.79
N GLU A 91 -4.29 -23.58 -13.50
CA GLU A 91 -4.80 -23.40 -12.15
C GLU A 91 -4.39 -24.53 -11.22
N GLN A 92 -4.04 -24.16 -9.99
CA GLN A 92 -3.78 -25.12 -8.92
C GLN A 92 -4.84 -24.96 -7.84
N ARG A 93 -5.45 -26.07 -7.43
CA ARG A 93 -6.55 -26.01 -6.46
C ARG A 93 -6.20 -26.66 -5.13
N GLU A 94 -6.74 -26.09 -4.05
CA GLU A 94 -6.49 -26.57 -2.70
C GLU A 94 -7.80 -26.94 -2.02
N ALA A 95 -7.78 -28.04 -1.27
CA ALA A 95 -8.97 -28.49 -0.56
C ALA A 95 -9.25 -27.65 0.69
N VAL A 96 -8.20 -27.42 1.47
CA VAL A 96 -8.32 -26.66 2.72
C VAL A 96 -8.80 -25.23 2.48
N PHE A 97 -9.83 -24.81 3.21
CA PHE A 97 -10.40 -23.48 3.04
C PHE A 97 -10.63 -22.80 4.39
N PRO A 98 -9.60 -22.11 4.89
CA PRO A 98 -9.62 -21.47 6.20
C PRO A 98 -10.12 -20.02 6.18
N PHE A 99 -11.06 -19.70 5.29
CA PHE A 99 -11.58 -18.33 5.22
C PHE A 99 -13.06 -18.27 5.52
N GLN A 100 -13.48 -17.18 6.14
CA GLN A 100 -14.86 -16.99 6.54
C GLN A 100 -15.40 -15.67 6.03
N PRO A 101 -16.62 -15.67 5.49
CA PRO A 101 -17.24 -14.42 5.04
C PRO A 101 -17.55 -13.51 6.23
N GLY A 102 -17.48 -12.20 6.01
CA GLY A 102 -17.77 -11.24 7.06
C GLY A 102 -16.78 -11.29 8.21
N SER A 103 -15.49 -11.41 7.88
CA SER A 103 -14.47 -11.50 8.91
C SER A 103 -13.19 -10.76 8.52
N VAL A 104 -12.20 -10.84 9.39
CA VAL A 104 -10.88 -10.27 9.12
C VAL A 104 -9.91 -11.38 8.74
N ALA A 105 -9.21 -11.21 7.62
CA ALA A 105 -8.26 -12.19 7.16
C ALA A 105 -6.84 -11.61 7.17
N GLU A 106 -5.90 -12.38 7.70
CA GLU A 106 -4.50 -11.97 7.72
C GLU A 106 -3.64 -12.98 6.97
N VAL A 107 -2.79 -12.50 6.07
CA VAL A 107 -1.88 -13.37 5.36
C VAL A 107 -0.47 -12.79 5.32
N ILE A 109 3.09 -13.24 3.06
CA ILE A 109 3.52 -13.77 1.77
C ILE A 109 5.04 -13.65 1.56
N THR A 110 5.65 -14.74 1.14
CA THR A 110 7.07 -14.77 0.81
C THR A 110 7.28 -15.60 -0.45
N PHE A 111 8.50 -15.56 -0.98
CA PHE A 111 8.85 -16.43 -2.10
C PHE A 111 10.34 -16.70 -2.15
N ASP A 112 10.71 -17.83 -2.73
CA ASP A 112 12.10 -18.14 -3.03
C ASP A 112 12.17 -18.58 -4.48
N GLN A 113 13.28 -19.21 -4.87
CA GLN A 113 13.46 -19.62 -6.26
C GLN A 113 12.49 -20.70 -6.69
N ALA A 114 11.95 -21.44 -5.72
CA ALA A 114 11.11 -22.59 -6.01
C ALA A 114 9.62 -22.29 -5.86
N ASN A 115 9.25 -21.66 -4.75
CA ASN A 115 7.84 -21.47 -4.42
C ASN A 115 7.47 -20.08 -3.93
N LEU A 116 6.21 -19.72 -4.11
CA LEU A 116 5.60 -18.65 -3.34
C LEU A 116 4.84 -19.27 -2.18
N THR A 117 4.90 -18.61 -1.03
CA THR A 117 4.27 -19.14 0.17
C THR A 117 3.32 -18.14 0.81
N VAL A 118 2.06 -18.56 0.98
CA VAL A 118 1.07 -17.74 1.67
C VAL A 118 0.75 -18.36 3.03
N LYS A 119 1.08 -17.65 4.11
CA LYS A 119 0.88 -18.17 5.45
C LYS A 119 -0.26 -17.48 6.19
N LEU A 120 -1.01 -18.26 6.94
CA LEU A 120 -2.04 -17.72 7.82
C LEU A 120 -1.61 -17.91 9.26
N PRO A 121 -1.99 -16.96 10.14
CA PRO A 121 -1.64 -16.94 11.57
C PRO A 121 -1.76 -18.30 12.29
N ASP A 122 -2.89 -18.99 12.13
CA ASP A 122 -3.13 -20.25 12.83
C ASP A 122 -2.26 -21.40 12.34
N GLY A 123 -1.47 -21.17 11.30
CA GLY A 123 -0.52 -22.18 10.86
C GLY A 123 -0.68 -22.70 9.45
N TYR A 124 -1.75 -22.32 8.76
CA TYR A 124 -1.95 -22.79 7.39
C TYR A 124 -0.88 -22.22 6.46
N GLU A 125 -0.43 -23.04 5.52
CA GLU A 125 0.65 -22.66 4.62
C GLU A 125 0.40 -23.16 3.20
N PHE A 126 -0.03 -22.25 2.33
CA PHE A 126 -0.30 -22.60 0.94
C PHE A 126 0.90 -22.27 0.06
N LYS A 127 1.35 -23.26 -0.71
CA LYS A 127 2.50 -23.07 -1.59
C LYS A 127 2.11 -23.14 -3.06
N PHE A 128 2.70 -22.27 -3.85
CA PHE A 128 2.46 -22.22 -5.29
C PHE A 128 3.80 -22.08 -5.99
N PRO A 129 4.05 -22.89 -7.03
CA PRO A 129 5.34 -22.91 -7.73
C PRO A 129 5.71 -21.56 -8.33
N ASN A 130 6.97 -21.17 -8.18
CA ASN A 130 7.48 -19.94 -8.78
C ASN A 130 7.72 -20.14 -10.27
N ARG A 131 6.78 -19.65 -11.08
CA ARG A 131 6.83 -19.87 -12.52
C ARG A 131 7.53 -18.74 -13.26
N LEU A 132 7.47 -17.53 -12.70
CA LEU A 132 7.99 -16.35 -13.38
C LEU A 132 9.47 -16.11 -13.08
N ASN A 133 9.91 -16.56 -11.91
CA ASN A 133 11.30 -16.41 -11.47
C ASN A 133 11.79 -14.94 -11.51
N LEU A 134 10.96 -14.03 -11.02
CA LEU A 134 11.30 -12.61 -11.02
C LEU A 134 12.16 -12.25 -9.83
N GLU A 135 12.94 -11.18 -9.97
CA GLU A 135 13.83 -10.71 -8.89
C GLU A 135 13.05 -10.31 -7.65
N ALA A 136 11.88 -9.73 -7.86
CA ALA A 136 11.09 -9.20 -6.75
C ALA A 136 9.60 -9.15 -7.03
N ILE A 137 8.83 -9.04 -5.96
CA ILE A 137 7.41 -8.72 -6.06
C ILE A 137 7.27 -7.20 -5.99
N ASN A 138 6.96 -6.59 -7.13
CA ASN A 138 6.84 -5.14 -7.21
C ASN A 138 5.40 -4.68 -7.20
N TYR A 139 4.47 -5.62 -7.39
CA TYR A 139 3.08 -5.27 -7.63
C TYR A 139 2.13 -6.10 -6.77
N MET A 140 1.19 -5.41 -6.12
CA MET A 140 0.12 -6.09 -5.40
C MET A 140 -1.22 -5.42 -5.67
N ALA A 141 -2.23 -6.21 -6.01
CA ALA A 141 -3.56 -5.69 -6.24
C ALA A 141 -4.60 -6.56 -5.54
N ALA A 142 -5.51 -5.91 -4.83
CA ALA A 142 -6.63 -6.60 -4.22
C ALA A 142 -7.85 -6.45 -5.10
N ASP A 143 -8.70 -7.46 -5.12
CA ASP A 143 -9.93 -7.43 -5.91
C ASP A 143 -10.96 -8.35 -5.28
N GLY A 144 -12.22 -8.18 -5.67
CA GLY A 144 -13.29 -8.98 -5.11
C GLY A 144 -13.71 -8.46 -3.76
N ASP A 145 -14.23 -9.37 -2.93
CA ASP A 145 -14.81 -8.98 -1.65
C ASP A 145 -13.78 -8.91 -0.53
N PHE A 146 -12.69 -8.19 -0.78
CA PHE A 146 -11.60 -8.05 0.19
C PHE A 146 -11.11 -6.62 0.28
N LYS A 147 -11.34 -5.99 1.43
CA LYS A 147 -10.90 -4.62 1.65
C LYS A 147 -9.66 -4.56 2.52
N ILE A 148 -8.52 -4.25 1.91
CA ILE A 148 -7.25 -4.20 2.63
C ILE A 148 -7.22 -3.04 3.63
N LYS A 149 -6.83 -3.34 4.86
CA LYS A 149 -6.81 -2.35 5.93
C LYS A 149 -5.37 -2.06 6.40
N VAL A 151 -1.00 -3.00 5.34
CA VAL A 151 0.06 -3.67 4.60
C VAL A 151 1.39 -3.40 5.31
N ALA A 152 2.19 -4.43 5.52
CA ALA A 152 3.45 -4.29 6.25
C ALA A 152 4.58 -5.05 5.57
N PHE A 153 5.78 -4.49 5.64
CA PHE A 153 6.94 -5.13 5.03
C PHE A 153 7.91 -5.60 6.11
N ASP A 154 7.96 -6.91 6.34
CA ASP A 154 8.80 -7.47 7.39
C ASP A 154 9.82 -8.44 6.81
N CYS B 22 11.80 5.52 -7.72
CA CYS B 22 10.66 5.91 -6.89
C CYS B 22 10.48 4.99 -5.69
N GLY B 23 9.69 5.43 -4.73
CA GLY B 23 9.34 4.61 -3.58
C GLY B 23 7.95 4.01 -3.76
N LEU B 24 7.31 3.66 -2.66
CA LEU B 24 5.99 3.04 -2.72
C LEU B 24 4.93 3.93 -3.37
N VAL B 25 4.13 3.32 -4.24
CA VAL B 25 2.97 4.00 -4.83
C VAL B 25 1.72 3.17 -4.63
N ALA B 26 0.73 3.75 -3.96
CA ALA B 26 -0.55 3.08 -3.76
C ALA B 26 -1.68 3.84 -4.45
N SER B 27 -2.55 3.12 -5.15
CA SER B 27 -3.72 3.72 -5.78
C SER B 27 -5.00 2.98 -5.39
N ASN B 28 -6.14 3.56 -5.76
CA ASN B 28 -7.46 3.03 -5.39
C ASN B 28 -7.67 3.01 -3.87
N LEU B 29 -7.08 3.98 -3.18
CA LEU B 29 -7.18 4.04 -1.71
C LEU B 29 -8.62 4.28 -1.26
N ASN B 30 -9.32 5.14 -2.00
CA ASN B 30 -10.69 5.51 -1.67
C ASN B 30 -10.81 6.04 -0.24
N LEU B 31 -9.88 6.92 0.14
CA LEU B 31 -9.87 7.50 1.47
C LEU B 31 -10.84 8.67 1.57
N LYS B 32 -11.98 8.43 2.21
CA LYS B 32 -13.03 9.45 2.35
C LYS B 32 -12.69 10.44 3.46
N PRO B 33 -13.35 11.62 3.47
CA PRO B 33 -13.17 12.56 4.57
C PRO B 33 -13.45 11.93 5.94
N GLY B 34 -12.56 12.15 6.90
CA GLY B 34 -12.76 11.63 8.23
C GLY B 34 -12.04 10.31 8.45
N GLU B 35 -11.71 9.63 7.36
CA GLU B 35 -10.98 8.37 7.44
C GLU B 35 -9.49 8.64 7.60
N LEU B 37 -5.35 7.77 7.26
CA LEU B 37 -4.26 7.10 6.57
C LEU B 37 -3.00 7.16 7.42
N ARG B 38 -2.56 6.00 7.89
CA ARG B 38 -1.39 5.92 8.77
C ARG B 38 -0.20 5.30 8.06
N VAL B 39 0.90 6.04 8.01
CA VAL B 39 2.12 5.57 7.36
C VAL B 39 3.28 5.59 8.35
N ARG B 40 3.98 4.47 8.48
CA ARG B 40 5.16 4.43 9.32
C ARG B 40 6.37 3.94 8.51
N GLY B 41 7.50 4.64 8.66
CA GLY B 41 8.69 4.27 7.92
C GLY B 41 9.95 4.61 8.69
N GLU B 42 11.09 4.19 8.13
CA GLU B 42 12.38 4.48 8.73
C GLU B 42 13.08 5.59 7.97
N VAL B 43 13.42 6.66 8.68
CA VAL B 43 14.18 7.76 8.09
C VAL B 43 15.66 7.38 8.04
N ALA B 44 16.28 7.48 6.87
CA ALA B 44 17.69 7.16 6.70
C ALA B 44 18.56 8.00 7.62
N PRO B 45 19.65 7.42 8.15
CA PRO B 45 20.58 8.14 9.02
C PRO B 45 21.21 9.35 8.34
N ASP B 46 21.38 9.28 7.02
CA ASP B 46 21.97 10.37 6.26
C ASP B 46 20.92 11.06 5.39
N ALA B 47 19.66 10.98 5.81
CA ALA B 47 18.55 11.51 5.04
C ALA B 47 18.72 12.98 4.69
N LYS B 48 18.27 13.36 3.51
CA LYS B 48 18.27 14.76 3.08
C LYS B 48 16.84 15.26 2.92
N SER B 49 15.96 14.38 2.46
CA SER B 49 14.55 14.72 2.22
C SER B 49 13.72 13.48 1.95
N PHE B 50 12.42 13.55 2.27
CA PHE B 50 11.49 12.53 1.81
C PHE B 50 10.10 13.15 1.57
N VAL B 51 9.27 12.43 0.82
CA VAL B 51 8.02 12.98 0.33
C VAL B 51 6.84 12.01 0.50
N LEU B 52 5.72 12.53 0.98
CA LEU B 52 4.45 11.82 0.93
C LEU B 52 3.47 12.60 0.05
N ASN B 53 3.19 12.04 -1.12
CA ASN B 53 2.26 12.65 -2.06
C ASN B 53 0.87 12.05 -1.97
N LEU B 54 -0.13 12.88 -1.69
CA LEU B 54 -1.50 12.43 -1.55
C LEU B 54 -2.41 13.20 -2.49
N GLY B 55 -3.31 12.48 -3.16
CA GLY B 55 -4.27 13.13 -4.04
C GLY B 55 -4.99 12.18 -4.98
N LYS B 56 -5.13 12.61 -6.23
CA LYS B 56 -5.82 11.81 -7.24
C LYS B 56 -4.84 11.05 -8.11
N ASP B 57 -3.78 11.75 -8.54
CA ASP B 57 -2.70 11.13 -9.30
C ASP B 57 -1.45 11.99 -9.15
N SER B 58 -0.42 11.69 -9.93
CA SER B 58 0.84 12.43 -9.82
C SER B 58 0.70 13.91 -10.21
N ASN B 59 -0.34 14.24 -10.97
CA ASN B 59 -0.56 15.60 -11.42
C ASN B 59 -1.54 16.37 -10.54
N ASN B 60 -2.25 15.64 -9.68
CA ASN B 60 -3.26 16.25 -8.83
C ASN B 60 -3.12 15.81 -7.38
N LEU B 61 -2.42 16.63 -6.60
CA LEU B 61 -2.08 16.31 -5.23
C LEU B 61 -2.69 17.31 -4.26
N LEU B 63 -2.14 17.13 -1.17
CA LEU B 63 -1.07 17.34 -0.20
C LEU B 63 0.28 16.79 -0.65
N HIS B 64 1.24 17.68 -0.78
CA HIS B 64 2.64 17.34 -0.98
C HIS B 64 3.39 17.56 0.33
N PHE B 65 3.63 16.48 1.07
CA PHE B 65 4.27 16.56 2.37
C PHE B 65 5.77 16.26 2.25
N ASN B 66 6.60 17.27 2.43
CA ASN B 66 8.02 17.15 2.13
C ASN B 66 8.93 17.67 3.26
N PRO B 67 9.21 16.82 4.25
CA PRO B 67 10.23 17.15 5.26
C PRO B 67 11.62 17.22 4.64
N ARG B 68 12.28 18.37 4.78
CA ARG B 68 13.60 18.54 4.21
C ARG B 68 14.67 18.66 5.29
N PHE B 69 15.53 17.65 5.40
CA PHE B 69 16.61 17.66 6.36
C PHE B 69 17.76 18.51 5.85
N ASN B 70 18.07 18.35 4.57
CA ASN B 70 19.13 19.09 3.91
C ASN B 70 18.91 19.09 2.41
N ALA B 71 17.93 19.86 1.96
CA ALA B 71 17.53 19.83 0.55
C ALA B 71 17.01 21.17 0.06
N HIS B 72 17.34 21.48 -1.20
CA HIS B 72 16.86 22.68 -1.88
C HIS B 72 17.19 23.96 -1.13
N GLY B 73 18.36 23.98 -0.49
CA GLY B 73 18.80 25.14 0.27
C GLY B 73 18.16 25.23 1.63
N ASP B 74 17.30 24.26 1.94
CA ASP B 74 16.62 24.22 3.23
C ASP B 74 17.21 23.17 4.15
N ALA B 75 17.03 23.36 5.45
CA ALA B 75 17.47 22.37 6.43
C ALA B 75 16.47 22.30 7.57
N ASN B 76 16.13 21.07 7.96
CA ASN B 76 15.17 20.80 9.01
C ASN B 76 13.89 21.63 8.89
N THR B 77 13.29 21.60 7.71
CA THR B 77 12.06 22.35 7.43
C THR B 77 11.00 21.47 6.80
N ILE B 78 9.78 21.53 7.33
CA ILE B 78 8.65 20.84 6.72
C ILE B 78 7.98 21.71 5.66
N VAL B 79 8.02 21.25 4.41
CA VAL B 79 7.42 21.97 3.30
C VAL B 79 6.17 21.25 2.81
N ASN B 81 2.74 21.63 0.01
CA ASN B 81 2.19 22.31 -1.15
C ASN B 81 1.09 21.44 -1.78
N SER B 82 0.40 22.02 -2.74
CA SER B 82 -0.56 21.29 -3.53
C SER B 82 -0.14 21.33 -4.99
N LYS B 83 -0.62 20.37 -5.77
CA LYS B 83 -0.42 20.41 -7.21
C LYS B 83 -1.75 20.16 -7.91
N ASP B 84 -2.16 21.14 -8.71
CA ASP B 84 -3.46 21.09 -9.37
C ASP B 84 -3.28 21.11 -10.89
N GLY B 85 -3.60 20.00 -11.54
CA GLY B 85 -3.45 19.89 -12.97
C GLY B 85 -2.00 20.09 -13.40
N GLY B 86 -1.08 19.58 -12.58
CA GLY B 86 0.34 19.67 -12.87
C GLY B 86 0.99 20.94 -12.34
N ALA B 87 0.17 21.87 -11.84
CA ALA B 87 0.69 23.15 -11.38
C ALA B 87 0.82 23.21 -9.86
N TRP B 88 2.03 23.49 -9.39
CA TRP B 88 2.27 23.68 -7.97
C TRP B 88 1.51 24.89 -7.46
N GLY B 89 0.97 24.79 -6.25
CA GLY B 89 0.31 25.92 -5.62
C GLY B 89 1.28 26.74 -4.81
N THR B 90 0.78 27.46 -3.81
CA THR B 90 1.64 28.26 -2.96
C THR B 90 2.18 27.41 -1.81
N GLU B 91 3.50 27.33 -1.70
CA GLU B 91 4.16 26.58 -0.64
C GLU B 91 3.80 27.09 0.75
N GLN B 92 3.76 26.17 1.71
CA GLN B 92 3.61 26.51 3.13
C GLN B 92 4.63 25.72 3.94
N ARG B 93 5.17 26.36 4.97
CA ARG B 93 6.19 25.73 5.79
C ARG B 93 5.83 25.79 7.28
N GLU B 94 6.20 24.73 7.99
CA GLU B 94 6.01 24.67 9.44
C GLU B 94 7.29 25.09 10.13
N ALA B 95 7.18 25.64 11.34
CA ALA B 95 8.34 26.09 12.08
C ALA B 95 9.02 24.92 12.79
N VAL B 96 8.23 23.98 13.29
CA VAL B 96 8.76 22.83 14.02
C VAL B 96 9.16 21.70 13.08
N PHE B 97 10.07 20.84 13.55
CA PHE B 97 10.57 19.75 12.74
C PHE B 97 10.87 18.52 13.61
N PRO B 98 9.83 17.74 13.94
CA PRO B 98 9.96 16.56 14.80
C PRO B 98 10.37 15.29 14.05
N PHE B 99 11.31 15.41 13.12
CA PHE B 99 11.85 14.25 12.43
C PHE B 99 13.34 14.13 12.70
N GLN B 100 13.77 12.91 13.02
CA GLN B 100 15.18 12.67 13.28
C GLN B 100 15.71 11.60 12.32
N PRO B 101 16.80 11.92 11.61
CA PRO B 101 17.47 10.95 10.73
C PRO B 101 17.91 9.71 11.51
N GLY B 102 17.66 8.53 10.95
CA GLY B 102 18.09 7.30 11.59
C GLY B 102 17.11 6.78 12.62
N SER B 103 15.88 7.28 12.56
CA SER B 103 14.83 6.85 13.48
C SER B 103 13.56 6.50 12.72
N VAL B 104 12.60 5.92 13.44
CA VAL B 104 11.31 5.56 12.85
C VAL B 104 10.31 6.69 13.03
N ALA B 105 9.57 7.00 11.97
CA ALA B 105 8.59 8.07 12.01
C ALA B 105 7.21 7.61 11.54
N GLU B 106 6.17 8.02 12.26
CA GLU B 106 4.80 7.74 11.87
C GLU B 106 4.06 9.02 11.53
N VAL B 107 3.32 9.00 10.43
CA VAL B 107 2.52 10.15 10.02
C VAL B 107 1.08 9.72 9.74
N ILE B 109 -2.57 10.97 8.40
CA ILE B 109 -3.23 12.01 7.61
C ILE B 109 -4.73 11.74 7.48
N THR B 110 -5.51 12.81 7.62
CA THR B 110 -6.93 12.79 7.28
C THR B 110 -7.31 14.16 6.71
N PHE B 111 -8.56 14.31 6.28
CA PHE B 111 -8.98 15.57 5.70
C PHE B 111 -10.49 15.80 5.76
N ASP B 112 -10.88 17.06 5.68
CA ASP B 112 -12.27 17.44 5.44
C ASP B 112 -12.32 18.41 4.27
N GLN B 113 -13.46 19.07 4.08
CA GLN B 113 -13.62 19.98 2.95
C GLN B 113 -12.75 21.23 3.07
N ALA B 114 -12.30 21.53 4.28
CA ALA B 114 -11.52 22.75 4.51
C ALA B 114 -10.01 22.46 4.58
N ASN B 115 -9.64 21.48 5.39
CA ASN B 115 -8.22 21.20 5.64
C ASN B 115 -7.85 19.73 5.58
N LEU B 116 -6.59 19.48 5.26
CA LEU B 116 -5.96 18.20 5.59
C LEU B 116 -5.32 18.35 6.95
N THR B 117 -5.42 17.31 7.78
CA THR B 117 -4.78 17.33 9.08
C THR B 117 -3.69 16.27 9.14
N VAL B 118 -2.47 16.69 9.43
CA VAL B 118 -1.33 15.78 9.52
C VAL B 118 -0.87 15.67 10.96
N LYS B 119 -1.01 14.47 11.53
CA LYS B 119 -0.64 14.25 12.92
C LYS B 119 0.63 13.42 13.05
N LEU B 120 1.31 13.60 14.18
CA LEU B 120 2.42 12.73 14.57
C LEU B 120 2.14 12.20 15.97
N PRO B 121 2.61 10.97 16.26
CA PRO B 121 2.32 10.24 17.50
C PRO B 121 2.51 11.04 18.80
N ASP B 122 3.35 12.06 18.79
CA ASP B 122 3.68 12.76 20.03
C ASP B 122 3.29 14.24 20.04
N GLY B 123 1.99 14.50 19.94
CA GLY B 123 1.47 15.84 20.09
C GLY B 123 1.45 16.68 18.83
N TYR B 124 2.31 16.36 17.87
CA TYR B 124 2.47 17.19 16.68
C TYR B 124 1.28 17.07 15.73
N GLU B 125 0.70 18.20 15.38
CA GLU B 125 -0.44 18.24 14.46
C GLU B 125 -0.38 19.48 13.57
N PHE B 126 -0.44 19.26 12.26
CA PHE B 126 -0.40 20.37 11.30
C PHE B 126 -1.66 20.40 10.44
N LYS B 127 -2.09 21.59 10.07
CA LYS B 127 -3.21 21.77 9.16
C LYS B 127 -2.73 22.34 7.83
N PHE B 128 -3.30 21.84 6.73
CA PHE B 128 -2.99 22.36 5.41
C PHE B 128 -4.27 22.47 4.59
N PRO B 129 -4.49 23.64 3.96
CA PRO B 129 -5.73 23.93 3.24
C PRO B 129 -6.03 22.91 2.14
N ASN B 130 -7.26 22.39 2.14
CA ASN B 130 -7.73 21.53 1.07
C ASN B 130 -8.10 22.39 -0.13
N ARG B 131 -7.23 22.39 -1.13
CA ARG B 131 -7.38 23.31 -2.27
C ARG B 131 -7.96 22.62 -3.51
N LEU B 132 -8.03 21.30 -3.49
CA LEU B 132 -8.56 20.56 -4.64
C LEU B 132 -9.99 20.11 -4.40
N ASN B 133 -10.32 19.85 -3.14
CA ASN B 133 -11.64 19.36 -2.74
C ASN B 133 -12.07 18.12 -3.52
N LEU B 134 -11.18 17.13 -3.57
CA LEU B 134 -11.51 15.84 -4.17
C LEU B 134 -12.47 15.09 -3.26
N GLU B 135 -13.25 14.19 -3.83
CA GLU B 135 -14.14 13.34 -3.05
C GLU B 135 -13.36 12.48 -2.05
N ALA B 136 -12.21 11.97 -2.50
CA ALA B 136 -11.42 11.07 -1.67
C ALA B 136 -9.95 11.13 -2.03
N ILE B 137 -9.10 10.60 -1.15
CA ILE B 137 -7.70 10.38 -1.48
C ILE B 137 -7.56 9.00 -2.07
N ASN B 138 -7.28 8.93 -3.37
CA ASN B 138 -7.19 7.66 -4.06
C ASN B 138 -5.76 7.30 -4.43
N TYR B 139 -4.84 8.22 -4.18
CA TYR B 139 -3.46 8.06 -4.63
C TYR B 139 -2.47 8.45 -3.55
N MET B 140 -1.47 7.61 -3.33
CA MET B 140 -0.38 7.94 -2.43
C MET B 140 0.96 7.52 -3.03
N ALA B 141 1.92 8.43 -3.01
CA ALA B 141 3.26 8.14 -3.49
C ALA B 141 4.30 8.57 -2.47
N ALA B 142 5.23 7.66 -2.14
CA ALA B 142 6.34 7.98 -1.25
C ALA B 142 7.63 8.03 -2.04
N ASP B 143 8.53 8.91 -1.64
CA ASP B 143 9.81 9.08 -2.33
C ASP B 143 10.86 9.65 -1.38
N GLY B 144 12.13 9.38 -1.66
CA GLY B 144 13.21 9.93 -0.88
C GLY B 144 13.75 8.98 0.18
N ASP B 145 14.32 9.56 1.24
CA ASP B 145 15.01 8.79 2.26
C ASP B 145 14.06 8.34 3.36
N PHE B 146 13.08 7.52 2.98
CA PHE B 146 12.03 7.10 3.89
C PHE B 146 11.49 5.73 3.50
N LYS B 147 11.97 4.69 4.17
CA LYS B 147 11.55 3.34 3.83
C LYS B 147 10.33 2.94 4.63
N ILE B 148 9.19 2.91 3.94
CA ILE B 148 7.91 2.59 4.55
C ILE B 148 7.86 1.17 5.08
N LYS B 149 7.46 1.02 6.34
CA LYS B 149 7.36 -0.28 6.98
C LYS B 149 5.92 -0.80 7.00
N VAL B 151 1.57 0.59 6.05
CA VAL B 151 0.51 1.54 5.74
C VAL B 151 -0.82 0.97 6.20
N ALA B 152 -1.62 1.78 6.91
CA ALA B 152 -2.92 1.34 7.41
C ALA B 152 -4.04 2.29 7.00
N PHE B 153 -5.16 1.72 6.56
CA PHE B 153 -6.30 2.51 6.11
C PHE B 153 -7.54 2.26 6.96
N ASP B 154 -7.75 3.08 7.99
CA ASP B 154 -8.94 2.96 8.83
C ASP B 154 -10.21 3.22 8.04
#